data_2OBD
#
_entry.id   2OBD
#
_cell.length_a   66.780
_cell.length_b   70.320
_cell.length_c   187.620
_cell.angle_alpha   90.00
_cell.angle_beta   90.00
_cell.angle_gamma   90.00
#
_symmetry.space_group_name_H-M   'P 21 21 21'
#
loop_
_entity.id
_entity.type
_entity.pdbx_description
1 polymer 'Cholesteryl ester transfer protein'
2 branched 2-acetamido-2-deoxy-beta-D-glucopyranose-(1-4)-[alpha-L-fucopyranose-(1-6)]2-acetamido-2-deoxy-beta-D-glucopyranose
3 non-polymer 'CHLORIDE ION'
4 non-polymer 'CHOLESTERYL OLEATE'
5 non-polymer 1,2-DIOLEOYL-SN-GLYCERO-3-PHOSPHOCHOLINE
6 non-polymer '4-(2-HYDROXYETHYL)-1-PIPERAZINE ETHANESULFONIC ACID'
7 non-polymer 'PENTAETHYLENE GLYCOL'
8 non-polymer 'TETRAETHYLENE GLYCOL'
9 water water
#
_entity_poly.entity_id   1
_entity_poly.type   'polypeptide(L)'
_entity_poly.pdbx_seq_one_letter_code
;ASKGTSHEAGIVCRITKPALLVLNHETAKVIQTAFQRASYPDITGEKAMMLLGQVKYGLHNIQISHLSIASSQVELVEAK
SIDVSIQDVSVVFKGTLKYGYTTAWWLGIDQSIDFEIDSAIDLQINTQLTADSGRVRTDAPDCYLSFHKLLLHLQGEREP
GWIKQLFTNFISFTLKLVLKGQICKEINVISNIMADFVQTRAASILSDGDIGVDISLTGDPVITASYLESHHKGHFIYKD
VSEDLPLPTFSPTLLGDSRMLYFWFSERVFHSLAKVAFQDGRLMLSLMGDEFKAVLETWGFNTNQEIFQEVVGGFPSQAQ
VTVHCLKMPKISCQNKGVVVDSSVMVKFLFPRPDQQHSVAYTFEEDIVTTVQASYSKKKLFLSLLDFQITPKTVSNLTES
SSESIQSFLQSMITAVGIPEVMSRLEVVFTALMNSKGVSLFDIINPEIITRDGFLLLQMDFGFPEHLLVDFLQSLS
;
_entity_poly.pdbx_strand_id   A
#
# COMPACT_ATOMS: atom_id res chain seq x y z
N THR A 5 -20.61 -16.37 0.20
CA THR A 5 -20.30 -16.87 -1.17
C THR A 5 -18.82 -17.29 -1.32
N SER A 6 -18.27 -17.06 -2.52
CA SER A 6 -16.93 -17.48 -2.89
C SER A 6 -16.47 -16.65 -4.10
N HIS A 7 -15.18 -16.37 -4.15
CA HIS A 7 -14.62 -15.48 -5.18
C HIS A 7 -13.38 -16.11 -5.81
N GLU A 8 -13.18 -15.85 -7.09
CA GLU A 8 -11.94 -16.24 -7.75
C GLU A 8 -10.92 -15.11 -7.60
N ALA A 9 -9.83 -15.38 -6.89
CA ALA A 9 -8.84 -14.36 -6.64
C ALA A 9 -7.50 -15.01 -6.33
N GLY A 10 -6.42 -14.34 -6.70
CA GLY A 10 -5.09 -14.75 -6.30
C GLY A 10 -4.67 -14.09 -5.01
N ILE A 11 -5.09 -12.84 -4.82
CA ILE A 11 -4.75 -12.04 -3.64
C ILE A 11 -6.02 -11.40 -3.11
N VAL A 12 -6.22 -11.46 -1.79
CA VAL A 12 -7.40 -10.88 -1.20
C VAL A 12 -6.97 -9.95 -0.06
N CYS A 13 -7.56 -8.75 -0.04
CA CYS A 13 -7.29 -7.74 1.01
C CYS A 13 -8.58 -7.46 1.77
N ARG A 14 -8.51 -7.58 3.09
CA ARG A 14 -9.68 -7.39 3.94
C ARG A 14 -9.32 -6.35 4.98
N ILE A 15 -10.05 -5.25 4.95
CA ILE A 15 -9.87 -4.11 5.86
C ILE A 15 -11.07 -4.11 6.78
N THR A 16 -10.84 -4.27 8.08
CA THR A 16 -11.94 -4.46 9.00
C THR A 16 -12.41 -3.14 9.62
N LYS A 17 -13.57 -3.20 10.28
CA LYS A 17 -14.11 -2.07 11.02
C LYS A 17 -13.07 -1.43 11.96
N PRO A 18 -12.42 -2.22 12.85
CA PRO A 18 -11.33 -1.66 13.67
C PRO A 18 -10.29 -0.84 12.89
N ALA A 19 -9.97 -1.25 11.66
CA ALA A 19 -9.01 -0.47 10.86
C ALA A 19 -9.61 0.88 10.42
N LEU A 20 -10.90 0.87 10.07
CA LEU A 20 -11.61 2.06 9.62
C LEU A 20 -11.67 3.06 10.77
N LEU A 21 -11.97 2.56 11.97
CA LEU A 21 -11.97 3.35 13.20
C LEU A 21 -10.67 4.10 13.49
N VAL A 22 -9.51 3.50 13.28
CA VAL A 22 -8.28 4.27 13.47
C VAL A 22 -8.05 5.18 12.26
N LEU A 23 -8.56 4.77 11.11
CA LEU A 23 -8.48 5.63 9.92
C LEU A 23 -9.38 6.86 10.07
N ASN A 24 -10.46 6.73 10.82
CA ASN A 24 -11.43 7.81 11.02
C ASN A 24 -10.83 8.99 11.77
N HIS A 25 -9.78 8.73 12.54
N HIS A 25 -9.79 8.74 12.55
CA HIS A 25 -9.06 9.75 13.29
CA HIS A 25 -9.10 9.78 13.29
C HIS A 25 -8.43 10.82 12.39
C HIS A 25 -8.56 10.90 12.38
N GLU A 26 -8.52 10.63 11.08
CA GLU A 26 -7.97 11.59 10.13
C GLU A 26 -8.99 12.07 9.10
N THR A 27 -10.27 11.71 9.31
CA THR A 27 -11.35 12.16 8.44
C THR A 27 -11.37 13.68 8.28
N ALA A 28 -11.09 14.42 9.35
CA ALA A 28 -11.11 15.88 9.34
C ALA A 28 -10.08 16.48 8.41
N LYS A 29 -8.89 15.87 8.34
CA LYS A 29 -7.85 16.30 7.41
C LYS A 29 -8.35 16.21 5.98
N VAL A 30 -9.11 15.15 5.70
CA VAL A 30 -9.67 14.92 4.37
C VAL A 30 -10.75 15.96 4.01
N ILE A 31 -11.67 16.21 4.96
CA ILE A 31 -12.74 17.20 4.76
C ILE A 31 -12.14 18.61 4.60
N GLN A 32 -11.10 18.90 5.36
CA GLN A 32 -10.38 20.16 5.24
C GLN A 32 -9.84 20.37 3.83
N THR A 33 -9.07 19.41 3.32
CA THR A 33 -8.61 19.37 1.93
C THR A 33 -9.73 19.59 0.91
N ALA A 34 -10.89 18.98 1.16
CA ALA A 34 -12.01 19.10 0.23
C ALA A 34 -12.55 20.56 0.15
N PHE A 35 -12.72 21.18 1.30
CA PHE A 35 -13.10 22.60 1.39
C PHE A 35 -12.07 23.56 0.80
N GLN A 36 -10.78 23.26 1.03
CA GLN A 36 -9.71 24.10 0.50
C GLN A 36 -9.59 23.98 -1.03
N ARG A 37 -10.00 22.84 -1.58
CA ARG A 37 -9.91 22.63 -3.02
C ARG A 37 -11.15 23.12 -3.77
N ALA A 38 -12.25 23.31 -3.04
CA ALA A 38 -13.51 23.73 -3.67
C ALA A 38 -13.39 25.15 -4.22
N SER A 39 -14.03 25.40 -5.36
CA SER A 39 -14.18 26.75 -5.93
C SER A 39 -15.50 27.40 -5.44
N TYR A 40 -15.44 28.65 -4.98
CA TYR A 40 -16.68 29.36 -4.63
C TYR A 40 -16.83 30.58 -5.56
N PRO A 41 -17.70 30.49 -6.57
CA PRO A 41 -17.72 31.54 -7.58
C PRO A 41 -18.40 32.85 -7.07
N ASP A 42 -17.95 33.99 -7.64
CA ASP A 42 -18.57 35.29 -7.38
C ASP A 42 -20.08 35.17 -7.54
N ILE A 43 -20.82 35.71 -6.59
CA ILE A 43 -22.28 35.85 -6.69
C ILE A 43 -22.67 37.31 -7.07
N THR A 44 -23.27 37.49 -8.23
CA THR A 44 -23.56 38.80 -8.77
C THR A 44 -25.00 38.87 -9.28
N GLY A 45 -25.48 40.10 -9.51
CA GLY A 45 -26.81 40.37 -10.07
C GLY A 45 -27.19 41.84 -9.93
N GLU A 46 -28.39 42.16 -10.38
CA GLU A 46 -28.92 43.52 -10.31
C GLU A 46 -30.41 43.38 -10.18
N LYS A 47 -30.92 43.69 -8.99
CA LYS A 47 -32.31 43.45 -8.61
C LYS A 47 -32.95 44.78 -8.15
N ALA A 48 -34.23 44.95 -8.43
CA ALA A 48 -35.01 46.03 -7.84
C ALA A 48 -35.18 45.73 -6.36
N MET A 49 -34.72 46.64 -5.51
CA MET A 49 -34.91 46.56 -4.07
C MET A 49 -35.97 47.55 -3.62
N MET A 50 -36.68 47.18 -2.55
CA MET A 50 -37.79 47.97 -2.05
C MET A 50 -37.39 49.41 -1.74
N LEU A 51 -38.13 50.37 -2.31
CA LEU A 51 -37.93 51.84 -2.10
C LEU A 51 -36.64 52.40 -2.65
N LEU A 52 -35.79 51.53 -3.19
CA LEU A 52 -34.41 51.87 -3.50
C LEU A 52 -34.05 51.72 -4.97
N GLY A 53 -34.98 51.24 -5.80
CA GLY A 53 -34.68 51.00 -7.23
C GLY A 53 -33.71 49.87 -7.56
N GLN A 54 -33.20 49.85 -8.80
CA GLN A 54 -32.26 48.81 -9.23
C GLN A 54 -30.97 48.99 -8.47
N VAL A 55 -30.53 47.91 -7.83
CA VAL A 55 -29.28 47.85 -7.11
C VAL A 55 -28.46 46.73 -7.74
N LYS A 56 -27.25 47.06 -8.17
CA LYS A 56 -26.31 46.11 -8.71
C LYS A 56 -25.36 45.69 -7.61
N TYR A 57 -25.21 44.37 -7.40
CA TYR A 57 -24.43 43.82 -6.28
C TYR A 57 -23.52 42.66 -6.69
N GLY A 58 -22.50 42.40 -5.89
CA GLY A 58 -21.67 41.22 -6.08
C GLY A 58 -20.97 40.83 -4.81
N LEU A 59 -21.00 39.55 -4.45
CA LEU A 59 -20.10 39.05 -3.39
C LEU A 59 -18.92 38.44 -4.12
N HIS A 60 -17.72 38.92 -3.77
CA HIS A 60 -16.53 38.66 -4.55
C HIS A 60 -15.41 38.03 -3.72
N ASN A 61 -14.57 37.25 -4.41
CA ASN A 61 -13.39 36.64 -3.80
C ASN A 61 -13.73 35.88 -2.53
N ILE A 62 -14.75 35.02 -2.59
CA ILE A 62 -15.12 34.21 -1.43
C ILE A 62 -14.04 33.16 -1.16
N GLN A 63 -13.50 33.21 0.05
CA GLN A 63 -12.33 32.47 0.45
C GLN A 63 -12.65 31.86 1.79
N ILE A 64 -12.21 30.63 2.04
CA ILE A 64 -12.32 30.09 3.39
C ILE A 64 -11.31 30.77 4.30
N SER A 65 -11.79 31.18 5.46
CA SER A 65 -10.99 31.91 6.43
C SER A 65 -10.68 31.06 7.66
N HIS A 66 -11.62 30.21 8.07
CA HIS A 66 -11.44 29.32 9.19
C HIS A 66 -12.24 28.06 8.90
N LEU A 67 -11.73 26.91 9.36
CA LEU A 67 -12.44 25.64 9.26
C LEU A 67 -12.03 24.72 10.39
N SER A 68 -13.01 24.25 11.17
CA SER A 68 -12.80 23.18 12.14
C SER A 68 -13.91 22.13 12.01
N ILE A 69 -13.73 20.98 12.66
CA ILE A 69 -14.72 19.89 12.64
C ILE A 69 -14.81 19.33 14.05
N ALA A 70 -16.03 19.06 14.53
CA ALA A 70 -16.25 18.56 15.89
C ALA A 70 -15.99 17.06 16.02
N SER A 71 -16.52 16.26 15.09
CA SER A 71 -16.39 14.80 15.14
C SER A 71 -16.90 14.10 13.89
N SER A 72 -16.47 12.85 13.73
CA SER A 72 -16.86 12.00 12.62
C SER A 72 -17.00 10.56 13.10
N GLN A 73 -18.04 9.88 12.62
CA GLN A 73 -18.27 8.48 12.88
C GLN A 73 -18.22 7.74 11.56
N VAL A 74 -17.88 6.46 11.61
CA VAL A 74 -17.86 5.61 10.40
C VAL A 74 -18.66 4.33 10.64
N GLU A 75 -19.43 3.94 9.65
CA GLU A 75 -20.23 2.74 9.75
C GLU A 75 -20.25 2.05 8.41
N LEU A 76 -20.19 0.73 8.43
CA LEU A 76 -20.28 -0.06 7.21
C LEU A 76 -21.70 -0.56 7.07
N VAL A 77 -22.28 -0.37 5.90
CA VAL A 77 -23.62 -0.84 5.66
C VAL A 77 -23.51 -2.01 4.70
N GLU A 78 -23.95 -3.18 5.18
CA GLU A 78 -23.79 -4.46 4.48
C GLU A 78 -24.23 -4.34 3.03
N ALA A 79 -23.33 -4.71 2.12
CA ALA A 79 -23.63 -4.71 0.68
C ALA A 79 -23.95 -3.34 0.08
N LYS A 80 -23.58 -2.26 0.76
CA LYS A 80 -23.99 -0.96 0.26
C LYS A 80 -22.90 0.07 0.27
N SER A 81 -22.40 0.43 1.44
CA SER A 81 -21.54 1.58 1.51
C SER A 81 -20.81 1.71 2.83
N ILE A 82 -19.74 2.50 2.78
CA ILE A 82 -19.03 3.04 3.94
C ILE A 82 -19.63 4.42 4.20
N ASP A 83 -20.26 4.57 5.36
CA ASP A 83 -21.06 5.76 5.70
C ASP A 83 -20.36 6.59 6.76
N VAL A 84 -19.88 7.78 6.39
CA VAL A 84 -19.28 8.65 7.40
C VAL A 84 -20.08 9.93 7.68
N SER A 85 -20.39 10.10 8.96
CA SER A 85 -21.16 11.21 9.45
C SER A 85 -20.15 12.13 10.04
N ILE A 86 -20.26 13.42 9.71
CA ILE A 86 -19.41 14.45 10.25
C ILE A 86 -20.31 15.53 10.88
N GLN A 87 -20.08 15.78 12.16
CA GLN A 87 -20.87 16.77 12.89
C GLN A 87 -20.13 18.08 13.04
N ASP A 88 -20.85 19.15 12.73
CA ASP A 88 -20.47 20.52 13.08
C ASP A 88 -19.14 20.94 12.51
N VAL A 89 -19.05 20.89 11.19
CA VAL A 89 -18.02 21.64 10.53
C VAL A 89 -18.44 23.11 10.52
N SER A 90 -17.68 23.93 11.23
CA SER A 90 -17.91 25.36 11.21
C SER A 90 -16.91 26.00 10.26
N VAL A 91 -17.44 26.66 9.23
CA VAL A 91 -16.62 27.36 8.23
C VAL A 91 -16.89 28.86 8.33
N VAL A 92 -15.83 29.65 8.38
CA VAL A 92 -15.98 31.08 8.26
C VAL A 92 -15.36 31.39 6.88
N PHE A 93 -16.18 31.98 6.00
CA PHE A 93 -15.73 32.54 4.73
C PHE A 93 -15.55 34.05 4.86
N LYS A 94 -14.61 34.59 4.11
CA LYS A 94 -14.45 36.02 3.94
C LYS A 94 -14.66 36.37 2.47
N GLY A 95 -15.09 37.61 2.21
CA GLY A 95 -15.22 38.11 0.84
C GLY A 95 -15.42 39.64 0.81
N THR A 96 -15.67 40.19 -0.37
CA THR A 96 -15.92 41.63 -0.54
C THR A 96 -17.23 41.87 -1.27
N LEU A 97 -18.15 42.56 -0.59
CA LEU A 97 -19.41 43.02 -1.19
C LEU A 97 -19.23 44.37 -1.91
N LYS A 98 -19.60 44.40 -3.19
CA LYS A 98 -19.56 45.62 -4.00
C LYS A 98 -20.93 45.85 -4.62
N TYR A 99 -21.45 47.07 -4.45
CA TYR A 99 -22.74 47.44 -5.01
C TYR A 99 -22.84 48.92 -5.36
N GLY A 100 -23.90 49.27 -6.07
CA GLY A 100 -24.15 50.67 -6.35
C GLY A 100 -25.61 50.80 -6.63
N TYR A 101 -26.16 51.95 -6.24
CA TYR A 101 -27.56 52.28 -6.49
C TYR A 101 -27.65 52.78 -7.91
N THR A 102 -28.14 51.90 -8.78
CA THR A 102 -28.10 52.09 -10.22
C THR A 102 -29.08 53.17 -10.64
N THR A 103 -30.35 52.99 -10.28
CA THR A 103 -31.32 53.98 -10.69
C THR A 103 -31.26 55.21 -9.77
N ALA A 104 -31.08 55.00 -8.46
CA ALA A 104 -31.00 56.11 -7.46
C ALA A 104 -29.63 56.83 -7.44
N TRP A 105 -29.30 57.53 -8.52
CA TRP A 105 -28.01 58.22 -8.62
C TRP A 105 -27.78 59.24 -7.51
N TRP A 106 -28.88 59.70 -6.90
CA TRP A 106 -28.82 60.74 -5.89
C TRP A 106 -28.45 60.18 -4.53
N LEU A 107 -28.31 58.86 -4.43
CA LEU A 107 -27.87 58.24 -3.17
C LEU A 107 -26.33 58.10 -3.05
N GLY A 108 -25.60 58.47 -4.10
CA GLY A 108 -24.14 58.47 -3.99
C GLY A 108 -23.38 57.37 -4.70
N ILE A 109 -22.06 57.36 -4.48
CA ILE A 109 -21.15 56.50 -5.20
C ILE A 109 -21.25 55.02 -4.78
N ASP A 110 -20.72 54.15 -5.65
CA ASP A 110 -20.68 52.71 -5.42
C ASP A 110 -19.93 52.36 -4.15
N GLN A 111 -20.27 51.22 -3.56
CA GLN A 111 -19.71 50.83 -2.27
C GLN A 111 -18.95 49.52 -2.33
N SER A 112 -18.09 49.34 -1.32
CA SER A 112 -17.23 48.16 -1.17
C SER A 112 -17.17 47.84 0.33
N ILE A 113 -17.76 46.72 0.74
CA ILE A 113 -17.74 46.32 2.16
C ILE A 113 -17.19 44.89 2.33
N ASP A 114 -16.15 44.73 3.16
CA ASP A 114 -15.67 43.39 3.49
C ASP A 114 -16.73 42.68 4.35
N PHE A 115 -16.82 41.38 4.17
CA PHE A 115 -17.79 40.58 4.90
C PHE A 115 -17.19 39.25 5.31
N GLU A 116 -17.89 38.58 6.20
CA GLU A 116 -17.69 37.17 6.47
C GLU A 116 -19.03 36.47 6.38
N ILE A 117 -19.00 35.22 5.92
CA ILE A 117 -20.12 34.27 6.05
C ILE A 117 -19.75 33.14 7.05
N ASP A 118 -20.59 32.99 8.06
CA ASP A 118 -20.44 32.02 9.13
C ASP A 118 -21.42 30.87 8.92
N SER A 119 -20.94 29.64 8.76
CA SER A 119 -21.84 28.48 8.73
C SER A 119 -21.43 27.32 9.63
N ALA A 120 -22.42 26.50 9.99
CA ALA A 120 -22.24 25.25 10.68
C ALA A 120 -22.99 24.19 9.90
N ILE A 121 -22.30 23.09 9.61
CA ILE A 121 -22.83 22.06 8.70
C ILE A 121 -22.61 20.65 9.30
N ASP A 122 -23.62 19.79 9.21
CA ASP A 122 -23.44 18.36 9.42
C ASP A 122 -23.43 17.69 8.03
N LEU A 123 -22.47 16.81 7.77
CA LEU A 123 -22.41 16.05 6.52
C LEU A 123 -22.62 14.55 6.72
N GLN A 124 -23.18 13.90 5.71
CA GLN A 124 -23.33 12.45 5.68
C GLN A 124 -22.86 12.03 4.30
N ILE A 125 -21.74 11.31 4.25
CA ILE A 125 -21.16 10.84 2.99
C ILE A 125 -21.20 9.32 2.92
N ASN A 126 -22.04 8.79 2.04
CA ASN A 126 -22.16 7.33 1.85
C ASN A 126 -21.43 6.88 0.58
N THR A 127 -20.23 6.33 0.76
CA THR A 127 -19.35 6.01 -0.34
C THR A 127 -19.55 4.56 -0.79
N GLN A 128 -19.84 4.37 -2.06
CA GLN A 128 -19.92 3.06 -2.68
C GLN A 128 -18.62 2.71 -3.42
N LEU A 129 -18.24 1.43 -3.37
CA LEU A 129 -17.00 0.94 -3.98
C LEU A 129 -17.34 -0.01 -5.11
N THR A 130 -16.76 0.25 -6.27
CA THR A 130 -17.01 -0.55 -7.44
C THR A 130 -15.73 -0.74 -8.23
N ALA A 131 -15.72 -1.78 -9.07
CA ALA A 131 -14.62 -2.07 -9.95
C ALA A 131 -14.74 -1.21 -11.21
N ASP A 132 -13.65 -0.57 -11.60
CA ASP A 132 -13.62 0.17 -12.85
C ASP A 132 -12.23 0.09 -13.42
N SER A 133 -12.11 -0.47 -14.61
CA SER A 133 -10.80 -0.64 -15.23
C SER A 133 -9.88 -1.54 -14.37
N GLY A 134 -10.44 -2.52 -13.68
CA GLY A 134 -9.66 -3.38 -12.76
C GLY A 134 -9.19 -2.68 -11.49
N ARG A 135 -9.73 -1.49 -11.25
CA ARG A 135 -9.33 -0.62 -10.17
C ARG A 135 -10.53 -0.42 -9.30
N VAL A 136 -10.34 -0.26 -8.00
CA VAL A 136 -11.48 0.15 -7.19
C VAL A 136 -11.72 1.67 -7.26
N ARG A 137 -12.94 2.01 -7.67
CA ARG A 137 -13.47 3.37 -7.72
C ARG A 137 -14.33 3.66 -6.50
N THR A 138 -14.39 4.93 -6.12
CA THR A 138 -15.32 5.40 -5.10
C THR A 138 -16.38 6.32 -5.70
N ASP A 139 -17.60 6.23 -5.18
CA ASP A 139 -18.68 7.09 -5.64
C ASP A 139 -19.60 7.37 -4.48
N ALA A 140 -19.78 8.65 -4.18
CA ALA A 140 -20.75 9.08 -3.18
C ALA A 140 -21.84 9.95 -3.85
N PRO A 141 -22.80 9.32 -4.57
CA PRO A 141 -23.89 10.15 -5.09
C PRO A 141 -24.82 10.65 -3.99
N ASP A 142 -24.81 9.96 -2.85
CA ASP A 142 -25.60 10.29 -1.67
C ASP A 142 -24.71 11.00 -0.67
N CYS A 143 -24.65 12.30 -0.83
CA CYS A 143 -23.77 13.14 -0.05
C CYS A 143 -24.65 14.28 0.49
N TYR A 144 -25.03 14.18 1.75
CA TYR A 144 -26.05 15.02 2.35
C TYR A 144 -25.38 16.16 3.13
N LEU A 145 -25.94 17.36 3.00
CA LEU A 145 -25.53 18.50 3.83
C LEU A 145 -26.71 19.07 4.59
N SER A 146 -26.47 19.39 5.85
CA SER A 146 -27.48 19.97 6.70
C SER A 146 -26.88 21.21 7.36
N PHE A 147 -27.36 22.38 6.96
CA PHE A 147 -26.88 23.67 7.51
C PHE A 147 -27.60 24.05 8.79
N HIS A 148 -26.84 24.36 9.83
CA HIS A 148 -27.43 24.88 11.08
C HIS A 148 -27.56 26.37 10.95
N LYS A 149 -26.61 27.00 10.25
CA LYS A 149 -26.64 28.43 10.01
C LYS A 149 -25.84 28.78 8.78
N LEU A 150 -26.17 29.92 8.21
CA LEU A 150 -25.37 30.59 7.21
C LEU A 150 -25.71 32.08 7.35
N LEU A 151 -24.86 32.80 8.06
CA LEU A 151 -25.08 34.21 8.44
C LEU A 151 -24.04 35.13 7.81
N LEU A 152 -24.50 36.21 7.20
CA LEU A 152 -23.63 37.23 6.63
C LEU A 152 -23.35 38.29 7.67
N HIS A 153 -22.09 38.69 7.81
CA HIS A 153 -21.70 39.73 8.76
C HIS A 153 -20.84 40.73 8.02
N LEU A 154 -21.33 41.96 7.87
CA LEU A 154 -20.53 43.03 7.24
C LEU A 154 -19.55 43.69 8.21
N GLN A 155 -18.38 44.07 7.69
CA GLN A 155 -17.44 44.86 8.49
C GLN A 155 -18.09 46.20 8.82
N GLY A 156 -18.16 46.52 10.11
CA GLY A 156 -18.80 47.73 10.58
C GLY A 156 -20.31 47.68 10.73
N GLU A 157 -20.91 46.51 10.55
CA GLU A 157 -22.35 46.30 10.72
C GLU A 157 -23.26 47.35 10.01
N ARG A 158 -22.89 47.71 8.79
CA ARG A 158 -23.66 48.63 7.95
C ARG A 158 -24.96 47.98 7.49
N GLU A 159 -26.06 48.72 7.56
CA GLU A 159 -27.35 48.29 6.97
C GLU A 159 -28.20 49.42 6.37
N PRO A 160 -28.11 49.62 5.04
CA PRO A 160 -28.92 50.58 4.33
C PRO A 160 -30.38 50.14 4.26
N GLY A 161 -30.62 48.85 4.49
CA GLY A 161 -31.98 48.30 4.48
C GLY A 161 -32.27 47.10 3.58
N TRP A 162 -31.43 46.88 2.57
CA TRP A 162 -31.72 45.89 1.54
C TRP A 162 -30.82 44.64 1.59
N ILE A 163 -29.78 44.66 2.43
CA ILE A 163 -28.72 43.66 2.35
C ILE A 163 -29.09 42.37 3.08
N LYS A 164 -29.45 42.48 4.35
CA LYS A 164 -29.78 41.31 5.13
C LYS A 164 -30.95 40.55 4.49
N GLN A 165 -31.93 41.29 3.95
CA GLN A 165 -33.09 40.71 3.25
C GLN A 165 -32.77 39.99 1.94
N LEU A 166 -31.86 40.58 1.17
CA LEU A 166 -31.45 40.00 -0.09
C LEU A 166 -30.70 38.70 0.17
N PHE A 167 -29.71 38.74 1.05
CA PHE A 167 -28.95 37.54 1.39
C PHE A 167 -29.89 36.40 1.82
N THR A 168 -30.75 36.69 2.78
CA THR A 168 -31.74 35.76 3.30
C THR A 168 -32.71 35.19 2.26
N ASN A 169 -33.31 36.05 1.43
CA ASN A 169 -34.30 35.60 0.45
C ASN A 169 -33.77 35.19 -0.93
N PHE A 170 -32.68 35.80 -1.39
CA PHE A 170 -32.18 35.48 -2.73
C PHE A 170 -30.83 34.81 -2.73
N ILE A 171 -30.07 34.91 -1.64
CA ILE A 171 -28.71 34.39 -1.74
C ILE A 171 -28.43 33.08 -0.97
N SER A 172 -28.85 32.95 0.30
CA SER A 172 -28.38 31.82 1.07
C SER A 172 -28.78 30.44 0.51
N PHE A 173 -30.05 30.20 0.18
CA PHE A 173 -30.46 28.85 -0.21
C PHE A 173 -29.81 28.39 -1.50
N THR A 174 -29.67 29.28 -2.46
CA THR A 174 -28.96 28.88 -3.67
C THR A 174 -27.44 28.77 -3.45
N LEU A 175 -26.93 29.45 -2.43
CA LEU A 175 -25.53 29.35 -2.09
C LEU A 175 -25.30 28.00 -1.41
N LYS A 176 -26.08 27.69 -0.37
CA LYS A 176 -26.09 26.36 0.27
C LYS A 176 -25.98 25.23 -0.75
N LEU A 177 -26.80 25.31 -1.79
CA LEU A 177 -26.83 24.32 -2.87
C LEU A 177 -25.55 24.31 -3.72
N VAL A 178 -24.94 25.48 -3.90
CA VAL A 178 -23.64 25.61 -4.59
C VAL A 178 -22.53 25.02 -3.75
N LEU A 179 -22.54 25.36 -2.46
CA LEU A 179 -21.62 24.81 -1.47
C LEU A 179 -21.62 23.29 -1.54
N LYS A 180 -22.80 22.68 -1.45
CA LYS A 180 -22.97 21.24 -1.54
C LYS A 180 -22.41 20.64 -2.81
N GLY A 181 -22.70 21.25 -3.95
CA GLY A 181 -22.17 20.79 -5.22
C GLY A 181 -20.66 20.75 -5.20
N GLN A 182 -20.04 21.78 -4.63
CA GLN A 182 -18.59 21.90 -4.66
C GLN A 182 -17.90 20.97 -3.68
N ILE A 183 -18.39 20.95 -2.46
CA ILE A 183 -17.86 20.11 -1.41
C ILE A 183 -18.00 18.62 -1.75
N CYS A 184 -19.22 18.20 -2.06
CA CYS A 184 -19.46 16.81 -2.38
C CYS A 184 -18.61 16.41 -3.58
N LYS A 185 -18.50 17.28 -4.57
CA LYS A 185 -17.72 16.97 -5.76
C LYS A 185 -16.24 16.76 -5.42
N GLU A 186 -15.74 17.55 -4.49
CA GLU A 186 -14.35 17.53 -4.12
C GLU A 186 -14.02 16.43 -3.10
N ILE A 187 -15.02 16.01 -2.32
CA ILE A 187 -14.96 14.80 -1.51
C ILE A 187 -14.77 13.57 -2.42
N ASN A 188 -15.48 13.58 -3.54
CA ASN A 188 -15.38 12.56 -4.54
C ASN A 188 -14.02 12.50 -5.20
N VAL A 189 -13.41 13.64 -5.51
CA VAL A 189 -12.09 13.58 -6.15
C VAL A 189 -10.96 13.13 -5.20
N ILE A 190 -10.97 13.60 -3.96
CA ILE A 190 -9.99 13.22 -2.97
C ILE A 190 -10.08 11.70 -2.65
N SER A 191 -11.30 11.20 -2.45
CA SER A 191 -11.61 9.79 -2.22
C SER A 191 -11.08 8.87 -3.32
N ASN A 192 -11.20 9.31 -4.58
CA ASN A 192 -10.68 8.56 -5.70
C ASN A 192 -9.15 8.71 -5.86
N ILE A 193 -8.59 9.85 -5.51
CA ILE A 193 -7.14 10.01 -5.44
C ILE A 193 -6.50 9.09 -4.37
N MET A 194 -7.15 8.99 -3.22
CA MET A 194 -6.66 8.17 -2.11
C MET A 194 -6.81 6.66 -2.37
N ALA A 195 -7.90 6.25 -3.04
CA ALA A 195 -8.12 4.86 -3.42
C ALA A 195 -7.10 4.42 -4.47
N ASP A 196 -6.93 5.23 -5.51
CA ASP A 196 -6.02 4.93 -6.61
C ASP A 196 -4.55 4.91 -6.17
N PHE A 197 -4.21 5.78 -5.22
CA PHE A 197 -2.85 5.86 -4.68
C PHE A 197 -2.47 4.58 -3.92
N VAL A 198 -3.33 4.12 -3.02
CA VAL A 198 -3.14 2.86 -2.31
C VAL A 198 -2.94 1.70 -3.28
N GLN A 199 -3.82 1.58 -4.26
CA GLN A 199 -3.70 0.50 -5.21
C GLN A 199 -2.38 0.53 -5.97
N THR A 200 -1.91 1.72 -6.29
CA THR A 200 -0.69 1.87 -7.10
C THR A 200 0.53 1.58 -6.24
N ARG A 201 0.45 1.91 -4.96
CA ARG A 201 1.51 1.61 -4.01
C ARG A 201 1.54 0.12 -3.66
N ALA A 202 0.36 -0.50 -3.56
CA ALA A 202 0.25 -1.96 -3.40
C ALA A 202 0.98 -2.65 -4.54
N ALA A 203 0.70 -2.26 -5.77
CA ALA A 203 1.32 -2.86 -6.93
C ALA A 203 2.83 -2.62 -6.95
N SER A 204 3.24 -1.45 -6.47
CA SER A 204 4.64 -1.04 -6.44
C SER A 204 5.44 -1.89 -5.44
N ILE A 205 4.81 -2.22 -4.33
CA ILE A 205 5.41 -3.11 -3.35
C ILE A 205 5.68 -4.50 -3.95
N LEU A 206 4.84 -4.92 -4.90
CA LEU A 206 4.98 -6.23 -5.53
C LEU A 206 5.70 -6.18 -6.86
N SER A 207 6.42 -5.11 -7.13
CA SER A 207 7.11 -4.90 -8.42
C SER A 207 8.58 -4.60 -8.18
N ASP A 208 9.43 -4.86 -9.18
CA ASP A 208 10.89 -4.61 -9.06
C ASP A 208 11.54 -4.77 -10.41
N GLY A 209 12.13 -3.68 -10.91
CA GLY A 209 12.77 -3.71 -12.22
C GLY A 209 11.81 -4.27 -13.24
N ASP A 210 12.23 -5.32 -13.95
CA ASP A 210 11.44 -5.92 -15.04
C ASP A 210 10.28 -6.77 -14.54
N ILE A 211 10.17 -6.90 -13.22
CA ILE A 211 9.09 -7.67 -12.61
C ILE A 211 7.99 -6.71 -12.12
N GLY A 212 6.78 -6.90 -12.63
CA GLY A 212 5.58 -6.21 -12.17
C GLY A 212 4.56 -7.21 -11.69
N VAL A 213 3.39 -6.70 -11.29
CA VAL A 213 2.27 -7.52 -10.84
C VAL A 213 0.98 -6.94 -11.41
N ASP A 214 0.05 -7.82 -11.74
CA ASP A 214 -1.27 -7.39 -12.11
C ASP A 214 -2.18 -7.71 -10.94
N ILE A 215 -2.67 -6.67 -10.26
CA ILE A 215 -3.62 -6.84 -9.17
C ILE A 215 -5.01 -6.30 -9.55
N SER A 216 -5.29 -6.33 -10.84
CA SER A 216 -6.61 -6.05 -11.36
C SER A 216 -7.63 -6.75 -10.52
N LEU A 217 -8.77 -6.10 -10.30
CA LEU A 217 -9.89 -6.67 -9.55
C LEU A 217 -10.65 -7.72 -10.34
N THR A 218 -11.12 -8.76 -9.64
CA THR A 218 -11.88 -9.85 -10.23
C THR A 218 -13.41 -9.68 -10.06
N GLY A 219 -13.83 -8.67 -9.30
CA GLY A 219 -15.24 -8.37 -9.11
C GLY A 219 -15.34 -7.14 -8.23
N ASP A 220 -16.56 -6.62 -8.04
CA ASP A 220 -16.74 -5.40 -7.25
C ASP A 220 -16.25 -5.72 -5.86
N PRO A 221 -15.70 -4.72 -5.15
CA PRO A 221 -15.32 -5.05 -3.79
C PRO A 221 -16.57 -5.45 -3.01
N VAL A 222 -16.37 -6.00 -1.82
CA VAL A 222 -17.48 -6.47 -0.98
C VAL A 222 -17.47 -5.69 0.32
N ILE A 223 -18.65 -5.36 0.83
CA ILE A 223 -18.77 -4.65 2.09
C ILE A 223 -19.74 -5.43 2.97
N THR A 224 -19.36 -5.67 4.21
CA THR A 224 -20.24 -6.26 5.20
C THR A 224 -20.19 -5.32 6.39
N ALA A 225 -20.99 -5.59 7.42
CA ALA A 225 -20.98 -4.79 8.64
C ALA A 225 -19.65 -4.81 9.37
N SER A 226 -18.76 -5.71 8.97
CA SER A 226 -17.51 -5.96 9.71
C SER A 226 -16.25 -5.62 8.95
N TYR A 227 -16.33 -5.63 7.63
CA TYR A 227 -15.13 -5.41 6.85
C TYR A 227 -15.45 -4.98 5.45
N LEU A 228 -14.40 -4.57 4.73
CA LEU A 228 -14.48 -4.55 3.29
C LEU A 228 -13.35 -5.37 2.66
N GLU A 229 -13.63 -5.93 1.49
CA GLU A 229 -12.78 -6.92 0.92
C GLU A 229 -12.67 -6.68 -0.57
N SER A 230 -11.43 -6.60 -1.05
CA SER A 230 -11.14 -6.54 -2.49
C SER A 230 -10.43 -7.83 -2.97
N HIS A 231 -10.78 -8.27 -4.17
CA HIS A 231 -10.21 -9.51 -4.73
C HIS A 231 -9.44 -9.22 -6.00
N HIS A 232 -8.18 -9.63 -6.01
CA HIS A 232 -7.25 -9.28 -7.10
C HIS A 232 -6.66 -10.52 -7.79
N LYS A 233 -6.18 -10.36 -9.03
CA LYS A 233 -5.64 -11.51 -9.77
C LYS A 233 -4.35 -12.00 -9.14
N GLY A 234 -3.35 -11.13 -9.03
CA GLY A 234 -2.05 -11.51 -8.50
C GLY A 234 -1.13 -12.26 -9.46
N HIS A 235 -1.22 -11.93 -10.74
CA HIS A 235 -0.32 -12.51 -11.74
C HIS A 235 0.93 -11.66 -11.89
N PHE A 236 2.11 -12.26 -11.76
CA PHE A 236 3.33 -11.52 -11.96
C PHE A 236 3.62 -11.35 -13.42
N ILE A 237 4.23 -10.21 -13.74
CA ILE A 237 4.44 -9.80 -15.10
C ILE A 237 5.94 -9.72 -15.25
N TYR A 238 6.49 -10.21 -16.36
CA TYR A 238 7.93 -10.14 -16.58
C TYR A 238 8.12 -9.50 -17.93
N LYS A 239 8.92 -8.42 -17.97
CA LYS A 239 9.11 -7.66 -19.19
C LYS A 239 7.79 -7.49 -19.96
N ASP A 240 6.75 -7.07 -19.24
CA ASP A 240 5.39 -6.82 -19.83
C ASP A 240 4.73 -8.00 -20.57
N VAL A 241 5.16 -9.22 -20.24
CA VAL A 241 4.42 -10.40 -20.64
C VAL A 241 3.75 -10.97 -19.38
N SER A 242 2.46 -11.25 -19.46
CA SER A 242 1.81 -12.01 -18.42
C SER A 242 1.05 -13.20 -19.01
N GLU A 243 0.72 -14.14 -18.14
CA GLU A 243 -0.06 -15.31 -18.54
C GLU A 243 -1.33 -15.28 -17.77
N ASP A 244 -2.45 -15.18 -18.49
CA ASP A 244 -3.71 -14.99 -17.83
C ASP A 244 -4.28 -16.37 -17.46
N LEU A 245 -3.77 -16.92 -16.36
CA LEU A 245 -4.03 -18.31 -15.94
C LEU A 245 -5.30 -18.35 -15.10
N PRO A 246 -5.96 -19.52 -14.98
CA PRO A 246 -7.19 -19.60 -14.18
C PRO A 246 -6.94 -19.20 -12.74
N LEU A 247 -7.99 -18.70 -12.09
CA LEU A 247 -7.85 -18.14 -10.77
C LEU A 247 -8.26 -19.15 -9.69
N PRO A 248 -7.50 -19.20 -8.60
CA PRO A 248 -7.89 -20.10 -7.55
C PRO A 248 -9.14 -19.57 -6.83
N THR A 249 -9.89 -20.46 -6.19
CA THR A 249 -11.10 -20.07 -5.45
C THR A 249 -10.77 -19.57 -4.05
N PHE A 250 -11.49 -18.55 -3.60
CA PHE A 250 -11.29 -17.94 -2.29
C PHE A 250 -12.58 -18.04 -1.47
N SER A 251 -12.43 -18.40 -0.20
CA SER A 251 -13.55 -18.56 0.72
C SER A 251 -13.50 -17.58 1.88
N PRO A 252 -14.38 -16.56 1.86
CA PRO A 252 -14.52 -15.55 2.91
C PRO A 252 -14.42 -16.07 4.35
N THR A 253 -14.97 -17.25 4.64
CA THR A 253 -14.90 -17.85 5.99
C THR A 253 -13.48 -18.20 6.46
N LEU A 254 -12.54 -18.29 5.53
CA LEU A 254 -11.13 -18.51 5.87
C LEU A 254 -10.53 -17.41 6.75
N LEU A 255 -11.13 -16.22 6.71
CA LEU A 255 -10.57 -15.06 7.39
C LEU A 255 -11.39 -14.62 8.60
N GLY A 256 -10.68 -14.20 9.64
CA GLY A 256 -11.31 -13.62 10.80
C GLY A 256 -11.54 -12.15 10.48
N ASP A 257 -12.11 -11.41 11.42
CA ASP A 257 -12.33 -9.98 11.21
C ASP A 257 -12.11 -9.14 12.48
N SER A 258 -11.12 -9.56 13.28
CA SER A 258 -10.79 -8.86 14.52
C SER A 258 -9.49 -8.07 14.41
N ARG A 259 -8.55 -8.54 13.58
CA ARG A 259 -7.36 -7.75 13.26
C ARG A 259 -7.77 -6.67 12.29
N MET A 260 -6.88 -5.70 12.09
CA MET A 260 -7.20 -4.57 11.24
C MET A 260 -7.05 -4.87 9.76
N LEU A 261 -6.15 -5.78 9.43
CA LEU A 261 -5.77 -6.03 8.04
C LEU A 261 -5.46 -7.52 7.82
N TYR A 262 -6.14 -8.15 6.88
CA TYR A 262 -5.86 -9.54 6.47
C TYR A 262 -5.50 -9.58 5.01
N PHE A 263 -4.40 -10.23 4.66
CA PHE A 263 -4.06 -10.50 3.27
C PHE A 263 -3.94 -11.99 3.02
N TRP A 264 -4.77 -12.50 2.11
CA TRP A 264 -4.77 -13.90 1.74
C TRP A 264 -4.08 -14.01 0.38
N PHE A 265 -3.01 -14.81 0.29
CA PHE A 265 -2.28 -15.07 -0.97
C PHE A 265 -2.37 -16.55 -1.31
N SER A 266 -2.93 -16.87 -2.47
CA SER A 266 -2.85 -18.23 -3.03
C SER A 266 -1.41 -18.65 -3.34
N GLU A 267 -1.15 -19.97 -3.34
CA GLU A 267 0.19 -20.46 -3.62
C GLU A 267 0.50 -20.30 -5.09
N ARG A 268 -0.55 -20.20 -5.90
CA ARG A 268 -0.45 -19.83 -7.31
C ARG A 268 0.27 -18.49 -7.55
N VAL A 269 0.22 -17.59 -6.56
CA VAL A 269 0.92 -16.29 -6.61
C VAL A 269 2.43 -16.50 -6.40
N PHE A 270 2.75 -17.40 -5.47
CA PHE A 270 4.13 -17.84 -5.25
C PHE A 270 4.70 -18.56 -6.47
N HIS A 271 3.94 -19.50 -7.04
CA HIS A 271 4.32 -20.10 -8.33
C HIS A 271 4.67 -19.00 -9.35
N SER A 272 3.79 -18.00 -9.48
CA SER A 272 3.99 -16.88 -10.41
C SER A 272 5.27 -16.11 -10.12
N LEU A 273 5.52 -15.81 -8.85
CA LEU A 273 6.74 -15.11 -8.45
C LEU A 273 8.03 -15.92 -8.65
N ALA A 274 8.02 -17.18 -8.24
CA ALA A 274 9.15 -18.06 -8.53
C ALA A 274 9.41 -18.09 -10.03
N LYS A 275 8.35 -18.12 -10.82
CA LYS A 275 8.46 -18.20 -12.30
C LYS A 275 9.21 -17.00 -12.92
N VAL A 276 8.73 -15.79 -12.63
CA VAL A 276 9.34 -14.57 -13.19
C VAL A 276 10.73 -14.33 -12.61
N ALA A 277 10.89 -14.63 -11.32
CA ALA A 277 12.21 -14.52 -10.64
C ALA A 277 13.29 -15.41 -11.29
N PHE A 278 12.92 -16.65 -11.58
CA PHE A 278 13.79 -17.58 -12.27
C PHE A 278 14.09 -17.11 -13.68
N GLN A 279 13.05 -16.76 -14.43
CA GLN A 279 13.24 -16.19 -15.75
C GLN A 279 14.19 -14.97 -15.75
N ASP A 280 14.19 -14.16 -14.69
CA ASP A 280 15.05 -12.98 -14.64
C ASP A 280 16.51 -13.28 -14.29
N GLY A 281 16.83 -14.55 -14.05
CA GLY A 281 18.21 -14.96 -13.76
C GLY A 281 18.63 -14.54 -12.36
N ARG A 282 17.66 -14.40 -11.47
CA ARG A 282 17.91 -13.84 -10.14
C ARG A 282 18.29 -14.90 -9.09
N LEU A 283 17.89 -16.15 -9.35
CA LEU A 283 18.07 -17.22 -8.36
C LEU A 283 19.46 -17.79 -8.50
N MET A 284 20.42 -16.97 -8.06
CA MET A 284 21.82 -17.32 -8.11
C MET A 284 22.64 -16.53 -7.13
N LEU A 285 23.83 -17.05 -6.86
CA LEU A 285 24.74 -16.57 -5.85
C LEU A 285 26.16 -16.90 -6.30
N SER A 286 27.10 -16.03 -5.97
CA SER A 286 28.50 -16.19 -6.30
C SER A 286 29.31 -15.72 -5.10
N LEU A 287 30.26 -16.54 -4.68
CA LEU A 287 31.19 -16.15 -3.61
C LEU A 287 32.62 -16.32 -4.10
N MET A 288 33.38 -15.23 -4.08
CA MET A 288 34.80 -15.30 -4.45
C MET A 288 35.68 -15.36 -3.21
N GLY A 289 36.99 -15.16 -3.39
CA GLY A 289 37.95 -15.39 -2.33
C GLY A 289 37.47 -15.10 -0.92
N ASP A 290 37.54 -13.82 -0.56
CA ASP A 290 37.22 -13.40 0.80
C ASP A 290 35.73 -13.39 1.17
N GLU A 291 34.85 -13.39 0.19
N GLU A 291 34.84 -13.40 0.19
CA GLU A 291 33.41 -13.53 0.48
CA GLU A 291 33.41 -13.52 0.50
C GLU A 291 33.09 -14.93 0.98
C GLU A 291 33.03 -14.95 0.94
N PHE A 292 33.67 -15.94 0.33
CA PHE A 292 33.55 -17.33 0.81
C PHE A 292 34.03 -17.44 2.28
N LYS A 293 35.25 -16.98 2.56
CA LYS A 293 35.77 -16.92 3.93
C LYS A 293 34.84 -16.23 4.93
N ALA A 294 34.29 -15.08 4.52
CA ALA A 294 33.41 -14.28 5.36
C ALA A 294 32.14 -15.01 5.72
N VAL A 295 31.60 -15.75 4.74
CA VAL A 295 30.42 -16.60 4.95
C VAL A 295 30.67 -17.69 6.01
N LEU A 296 31.83 -18.36 5.94
CA LEU A 296 32.14 -19.37 6.95
C LEU A 296 32.22 -18.75 8.35
N GLU A 297 32.88 -17.60 8.46
CA GLU A 297 33.01 -16.90 9.74
C GLU A 297 31.67 -16.49 10.37
N THR A 298 30.68 -16.19 9.53
CA THR A 298 29.33 -15.85 9.99
C THR A 298 28.67 -17.02 10.71
N TRP A 299 28.94 -18.22 10.19
CA TRP A 299 28.31 -19.45 10.68
C TRP A 299 29.20 -20.22 11.67
N GLY A 300 30.33 -19.61 12.05
CA GLY A 300 31.12 -20.11 13.16
C GLY A 300 32.31 -20.96 12.79
N PHE A 301 32.69 -20.91 11.51
CA PHE A 301 33.81 -21.68 11.01
C PHE A 301 34.88 -20.72 10.53
N ASN A 302 36.01 -21.27 10.10
CA ASN A 302 37.18 -20.48 9.80
C ASN A 302 38.10 -21.24 8.87
N THR A 303 38.34 -20.63 7.72
CA THR A 303 39.20 -21.19 6.72
C THR A 303 40.59 -21.67 7.24
N ASN A 304 41.06 -21.16 8.39
CA ASN A 304 42.36 -21.59 8.92
C ASN A 304 42.27 -22.86 9.75
N GLN A 305 41.05 -23.32 10.00
CA GLN A 305 40.83 -24.57 10.74
C GLN A 305 41.41 -25.77 10.03
N GLU A 306 41.86 -26.74 10.82
CA GLU A 306 42.42 -28.00 10.32
C GLU A 306 41.47 -28.72 9.35
N ILE A 307 40.20 -28.85 9.75
CA ILE A 307 39.17 -29.55 8.96
C ILE A 307 38.88 -29.00 7.56
N PHE A 308 39.28 -27.75 7.31
CA PHE A 308 39.10 -27.13 6.00
C PHE A 308 40.34 -27.29 5.14
N GLN A 309 41.44 -27.69 5.76
CA GLN A 309 42.73 -27.64 5.06
C GLN A 309 42.83 -28.49 3.79
N GLU A 310 42.28 -29.71 3.81
CA GLU A 310 42.43 -30.55 2.59
C GLU A 310 41.57 -30.05 1.41
N VAL A 311 40.42 -29.47 1.74
CA VAL A 311 39.56 -28.90 0.71
C VAL A 311 40.07 -27.53 0.20
N VAL A 312 40.22 -26.53 1.08
CA VAL A 312 40.38 -25.13 0.55
C VAL A 312 41.66 -24.71 -0.22
N GLY A 313 42.89 -24.98 0.21
CA GLY A 313 43.30 -25.27 1.56
C GLY A 313 44.32 -24.18 1.82
N GLY A 314 45.28 -24.04 0.90
CA GLY A 314 46.39 -23.08 1.01
C GLY A 314 46.08 -21.64 0.61
N PHE A 315 45.24 -21.47 -0.41
CA PHE A 315 44.89 -20.15 -0.95
C PHE A 315 43.40 -19.83 -0.82
N PRO A 316 42.90 -19.68 0.43
CA PRO A 316 41.46 -19.50 0.68
C PRO A 316 40.89 -18.17 0.12
N SER A 317 41.77 -17.24 -0.21
CA SER A 317 41.40 -15.99 -0.86
C SER A 317 41.15 -16.15 -2.35
N GLN A 318 41.22 -17.38 -2.84
CA GLN A 318 40.99 -17.63 -4.27
C GLN A 318 39.89 -18.66 -4.53
N ALA A 319 39.18 -19.02 -3.46
CA ALA A 319 38.03 -19.91 -3.48
C ALA A 319 36.91 -19.33 -4.31
N GLN A 320 36.20 -20.20 -5.03
CA GLN A 320 35.06 -19.81 -5.84
C GLN A 320 33.91 -20.77 -5.65
N VAL A 321 32.76 -20.27 -5.21
CA VAL A 321 31.54 -21.08 -5.20
C VAL A 321 30.34 -20.35 -5.84
N THR A 322 29.67 -21.05 -6.74
CA THR A 322 28.44 -20.57 -7.33
C THR A 322 27.29 -21.52 -7.07
N VAL A 323 26.12 -20.96 -6.80
CA VAL A 323 24.87 -21.69 -6.78
C VAL A 323 23.97 -21.08 -7.84
N HIS A 324 23.26 -21.91 -8.58
CA HIS A 324 22.13 -21.41 -9.35
C HIS A 324 21.08 -22.47 -9.54
N CYS A 325 19.83 -22.03 -9.54
CA CYS A 325 18.70 -22.85 -9.89
C CYS A 325 18.78 -23.34 -11.31
N LEU A 326 18.45 -24.62 -11.52
CA LEU A 326 18.50 -25.29 -12.83
C LEU A 326 17.15 -25.22 -13.54
N LYS A 327 16.08 -25.19 -12.75
CA LYS A 327 14.76 -24.91 -13.26
C LYS A 327 14.04 -24.08 -12.18
N MET A 328 12.84 -23.63 -12.48
CA MET A 328 12.07 -22.82 -11.57
C MET A 328 11.79 -23.56 -10.27
N PRO A 329 12.04 -22.92 -9.11
CA PRO A 329 11.67 -23.56 -7.85
C PRO A 329 10.16 -23.79 -7.76
N LYS A 330 9.79 -24.80 -6.98
CA LYS A 330 8.42 -25.25 -6.86
C LYS A 330 7.98 -24.89 -5.45
N ILE A 331 7.03 -23.96 -5.34
CA ILE A 331 6.60 -23.47 -4.02
C ILE A 331 5.17 -23.87 -3.72
N SER A 332 4.96 -24.47 -2.54
CA SER A 332 3.66 -24.88 -2.02
C SER A 332 3.52 -24.26 -0.66
N CYS A 333 2.30 -23.93 -0.29
CA CYS A 333 1.96 -23.61 1.08
C CYS A 333 1.29 -24.82 1.67
N GLN A 334 1.62 -25.09 2.93
CA GLN A 334 1.08 -26.21 3.68
C GLN A 334 0.87 -25.71 5.09
N ASN A 335 0.05 -26.41 5.88
CA ASN A 335 -0.14 -26.07 7.29
C ASN A 335 1.19 -25.95 8.02
N LYS A 336 2.15 -26.82 7.70
CA LYS A 336 3.43 -26.88 8.41
C LYS A 336 4.40 -25.74 8.08
N GLY A 337 4.23 -25.15 6.90
CA GLY A 337 5.13 -24.12 6.43
C GLY A 337 4.96 -23.92 4.95
N VAL A 338 5.86 -23.11 4.38
CA VAL A 338 5.95 -22.92 2.96
C VAL A 338 7.07 -23.84 2.50
N VAL A 339 6.74 -24.71 1.52
CA VAL A 339 7.76 -25.63 1.05
C VAL A 339 8.26 -25.25 -0.32
N VAL A 340 9.58 -25.10 -0.40
CA VAL A 340 10.23 -24.72 -1.61
C VAL A 340 11.08 -25.92 -2.04
N ASP A 341 10.81 -26.41 -3.22
CA ASP A 341 11.52 -27.52 -3.74
C ASP A 341 12.34 -26.97 -4.88
N SER A 342 13.65 -26.88 -4.67
CA SER A 342 14.60 -26.26 -5.60
C SER A 342 15.57 -27.27 -6.19
N SER A 343 15.76 -27.20 -7.50
CA SER A 343 16.80 -27.94 -8.17
C SER A 343 17.99 -27.03 -8.46
N VAL A 344 19.11 -27.28 -7.78
CA VAL A 344 20.27 -26.39 -7.88
C VAL A 344 21.51 -27.05 -8.42
N MET A 345 22.43 -26.21 -8.87
CA MET A 345 23.77 -26.60 -9.27
C MET A 345 24.77 -25.85 -8.38
N VAL A 346 25.53 -26.58 -7.56
CA VAL A 346 26.54 -25.96 -6.71
C VAL A 346 27.93 -26.29 -7.24
N LYS A 347 28.70 -25.24 -7.51
CA LYS A 347 30.03 -25.38 -8.12
C LYS A 347 31.08 -24.86 -7.18
N PHE A 348 32.11 -25.69 -6.98
CA PHE A 348 33.21 -25.42 -6.07
C PHE A 348 34.52 -25.38 -6.86
N LEU A 349 35.41 -24.49 -6.42
CA LEU A 349 36.78 -24.41 -6.94
C LEU A 349 37.68 -23.83 -5.86
N PHE A 350 38.64 -24.63 -5.41
CA PHE A 350 39.61 -24.24 -4.41
C PHE A 350 40.98 -24.47 -5.02
N PRO A 351 41.46 -23.52 -5.85
CA PRO A 351 42.67 -23.73 -6.67
C PRO A 351 43.99 -23.82 -5.88
N ARG A 352 44.94 -24.52 -6.50
CA ARG A 352 46.32 -24.57 -6.04
C ARG A 352 47.24 -24.08 -7.18
N PRO A 353 48.48 -23.64 -6.86
CA PRO A 353 49.46 -23.23 -7.88
C PRO A 353 49.52 -24.22 -9.05
N ASP A 354 49.52 -25.52 -8.75
CA ASP A 354 49.30 -26.54 -9.77
C ASP A 354 47.80 -26.83 -9.85
N GLN A 355 47.25 -26.68 -11.05
CA GLN A 355 45.82 -26.82 -11.29
C GLN A 355 45.33 -28.27 -11.18
N GLN A 356 46.27 -29.22 -11.24
CA GLN A 356 45.96 -30.64 -11.09
C GLN A 356 45.48 -30.96 -9.67
N HIS A 357 45.92 -30.13 -8.72
CA HIS A 357 45.67 -30.37 -7.30
C HIS A 357 44.58 -29.46 -6.76
N SER A 358 43.94 -28.74 -7.66
CA SER A 358 42.81 -27.90 -7.32
C SER A 358 41.62 -28.80 -7.01
N VAL A 359 41.01 -28.63 -5.83
CA VAL A 359 39.75 -29.30 -5.56
C VAL A 359 38.63 -28.58 -6.33
N ALA A 360 37.94 -29.33 -7.19
CA ALA A 360 36.89 -28.79 -8.05
C ALA A 360 35.71 -29.74 -8.19
N TYR A 361 34.58 -29.40 -7.55
CA TYR A 361 33.37 -30.22 -7.56
C TYR A 361 32.12 -29.51 -8.15
N THR A 362 31.22 -30.28 -8.75
CA THR A 362 29.91 -29.77 -9.03
C THR A 362 28.86 -30.74 -8.47
N PHE A 363 27.85 -30.19 -7.81
CA PHE A 363 26.78 -30.94 -7.19
C PHE A 363 25.46 -30.52 -7.82
N GLU A 364 24.83 -31.40 -8.60
CA GLU A 364 23.45 -31.21 -8.99
C GLU A 364 22.61 -31.89 -7.93
N GLU A 365 21.74 -31.15 -7.25
CA GLU A 365 20.81 -31.74 -6.28
C GLU A 365 19.50 -31.00 -6.17
N ASP A 366 18.45 -31.71 -5.73
CA ASP A 366 17.24 -31.08 -5.22
C ASP A 366 17.40 -30.86 -3.74
N ILE A 367 17.05 -29.65 -3.31
CA ILE A 367 16.99 -29.29 -1.91
C ILE A 367 15.55 -28.85 -1.66
N VAL A 368 14.89 -29.52 -0.72
CA VAL A 368 13.53 -29.18 -0.35
C VAL A 368 13.59 -28.61 1.05
N THR A 369 13.01 -27.42 1.24
CA THR A 369 13.02 -26.74 2.53
C THR A 369 11.59 -26.39 2.94
N THR A 370 11.26 -26.66 4.19
CA THR A 370 10.02 -26.21 4.77
C THR A 370 10.38 -25.03 5.64
N VAL A 371 9.75 -23.89 5.35
CA VAL A 371 10.11 -22.59 5.94
C VAL A 371 8.90 -21.95 6.62
N GLN A 372 9.12 -21.40 7.81
CA GLN A 372 8.15 -20.57 8.50
C GLN A 372 8.68 -19.14 8.62
N ALA A 373 7.78 -18.17 8.73
CA ALA A 373 8.19 -16.76 8.65
C ALA A 373 7.62 -15.92 9.77
N SER A 374 8.37 -14.88 10.10
CA SER A 374 8.12 -13.99 11.24
C SER A 374 8.40 -12.58 10.73
N TYR A 375 7.69 -11.61 11.28
CA TYR A 375 8.01 -10.19 11.08
C TYR A 375 8.09 -9.52 12.42
N SER A 376 9.18 -8.80 12.61
CA SER A 376 9.58 -8.38 13.94
C SER A 376 10.60 -7.28 13.76
N LYS A 377 10.45 -6.20 14.51
CA LYS A 377 11.43 -5.09 14.46
C LYS A 377 11.82 -4.71 13.02
N LYS A 378 10.80 -4.55 12.18
CA LYS A 378 10.93 -4.11 10.78
C LYS A 378 11.78 -5.02 9.86
N LYS A 379 11.91 -6.28 10.27
CA LYS A 379 12.63 -7.30 9.52
C LYS A 379 11.80 -8.56 9.34
N LEU A 380 11.97 -9.17 8.18
CA LEU A 380 11.52 -10.52 7.89
C LEU A 380 12.51 -11.56 8.46
N PHE A 381 11.99 -12.54 9.19
CA PHE A 381 12.76 -13.69 9.70
C PHE A 381 12.24 -15.01 9.13
N LEU A 382 13.14 -15.77 8.51
CA LEU A 382 12.80 -17.07 7.93
C LEU A 382 13.40 -18.23 8.76
N SER A 383 12.58 -19.24 8.96
CA SER A 383 12.87 -20.33 9.88
C SER A 383 12.81 -21.65 9.11
N LEU A 384 13.78 -22.52 9.35
CA LEU A 384 13.79 -23.85 8.69
C LEU A 384 13.11 -24.89 9.59
N LEU A 385 11.92 -25.34 9.22
CA LEU A 385 11.25 -26.39 10.00
C LEU A 385 11.85 -27.76 9.67
N ASP A 386 12.13 -28.00 8.40
CA ASP A 386 12.93 -29.15 7.98
C ASP A 386 13.42 -29.03 6.55
N PHE A 387 14.26 -30.00 6.16
CA PHE A 387 14.88 -30.04 4.84
C PHE A 387 15.16 -31.48 4.42
N GLN A 388 15.24 -31.68 3.11
CA GLN A 388 15.76 -32.91 2.57
C GLN A 388 16.61 -32.57 1.35
N ILE A 389 17.74 -33.27 1.23
CA ILE A 389 18.69 -33.11 0.15
C ILE A 389 18.88 -34.42 -0.63
N THR A 390 18.61 -34.39 -1.93
CA THR A 390 18.81 -35.57 -2.77
C THR A 390 19.68 -35.25 -3.97
N PRO A 391 20.99 -35.61 -3.91
CA PRO A 391 21.90 -35.39 -5.03
C PRO A 391 21.49 -36.19 -6.22
N LYS A 392 21.78 -35.67 -7.42
CA LYS A 392 21.41 -36.30 -8.68
C LYS A 392 22.66 -36.69 -9.47
N THR A 393 23.67 -35.83 -9.45
CA THR A 393 24.94 -36.11 -10.11
C THR A 393 26.05 -35.21 -9.60
N VAL A 394 26.99 -35.82 -8.87
CA VAL A 394 28.16 -35.15 -8.34
C VAL A 394 29.38 -35.43 -9.23
N SER A 395 30.14 -34.39 -9.52
CA SER A 395 31.29 -34.49 -10.38
C SER A 395 32.52 -33.84 -9.75
N ASN A 396 33.64 -34.55 -9.80
CA ASN A 396 34.94 -33.97 -9.53
C ASN A 396 35.62 -33.63 -10.86
N LEU A 397 36.27 -32.47 -10.89
CA LEU A 397 36.80 -31.92 -12.13
C LEU A 397 38.31 -32.13 -12.23
N THR A 398 38.92 -32.50 -11.10
CA THR A 398 40.34 -32.90 -11.04
C THR A 398 40.48 -34.22 -10.28
N GLU A 399 41.72 -34.74 -10.24
CA GLU A 399 42.04 -36.00 -9.58
C GLU A 399 41.97 -35.86 -8.07
N SER A 400 41.89 -34.63 -7.61
CA SER A 400 41.92 -34.31 -6.20
C SER A 400 40.51 -34.51 -5.62
N SER A 401 40.14 -35.78 -5.36
CA SER A 401 38.75 -36.16 -5.02
C SER A 401 38.67 -37.41 -4.16
N SER A 402 37.69 -37.44 -3.27
CA SER A 402 37.54 -38.53 -2.31
C SER A 402 36.15 -38.49 -1.67
N GLU A 403 35.67 -39.65 -1.28
CA GLU A 403 34.36 -39.75 -0.67
C GLU A 403 34.26 -38.77 0.48
N SER A 404 35.34 -38.62 1.23
CA SER A 404 35.37 -37.66 2.33
C SER A 404 35.50 -36.18 1.93
N ILE A 405 36.18 -35.88 0.82
CA ILE A 405 36.17 -34.53 0.27
C ILE A 405 34.76 -34.18 -0.19
N GLN A 406 34.10 -35.11 -0.87
CA GLN A 406 32.74 -34.92 -1.37
C GLN A 406 31.70 -34.75 -0.27
N SER A 407 31.92 -35.45 0.84
CA SER A 407 31.04 -35.38 1.98
C SER A 407 31.28 -34.12 2.83
N PHE A 408 32.51 -33.61 2.85
CA PHE A 408 32.78 -32.30 3.44
C PHE A 408 31.98 -31.21 2.69
N LEU A 409 32.05 -31.22 1.37
CA LEU A 409 31.42 -30.21 0.55
C LEU A 409 29.90 -30.27 0.70
N GLN A 410 29.35 -31.48 0.66
CA GLN A 410 27.92 -31.68 0.89
C GLN A 410 27.49 -31.14 2.22
N SER A 411 28.30 -31.39 3.26
CA SER A 411 27.99 -30.92 4.60
C SER A 411 28.05 -29.38 4.70
N MET A 412 28.78 -28.75 3.79
CA MET A 412 28.92 -27.31 3.80
C MET A 412 27.67 -26.71 3.15
N ILE A 413 27.23 -27.36 2.09
CA ILE A 413 26.01 -26.99 1.42
C ILE A 413 24.87 -26.97 2.43
N THR A 414 24.81 -28.00 3.27
CA THR A 414 23.74 -28.22 4.22
C THR A 414 23.82 -27.28 5.44
N ALA A 415 24.99 -27.24 6.06
CA ALA A 415 25.19 -26.56 7.31
C ALA A 415 25.37 -25.03 7.18
N VAL A 416 25.90 -24.59 6.03
CA VAL A 416 26.28 -23.21 5.78
C VAL A 416 25.47 -22.67 4.58
N GLY A 417 25.46 -23.42 3.47
CA GLY A 417 24.66 -23.07 2.31
C GLY A 417 23.20 -22.74 2.57
N ILE A 418 22.47 -23.68 3.12
CA ILE A 418 21.06 -23.47 3.39
C ILE A 418 20.84 -22.23 4.29
N PRO A 419 21.42 -22.19 5.51
CA PRO A 419 21.23 -21.00 6.36
C PRO A 419 21.77 -19.66 5.80
N GLU A 420 22.83 -19.69 4.99
CA GLU A 420 23.31 -18.49 4.32
C GLU A 420 22.27 -17.99 3.33
N VAL A 421 21.80 -18.86 2.42
CA VAL A 421 20.83 -18.47 1.39
C VAL A 421 19.51 -17.97 2.02
N MET A 422 19.11 -18.59 3.10
CA MET A 422 17.91 -18.12 3.79
C MET A 422 18.15 -16.71 4.34
N SER A 423 19.29 -16.49 5.00
CA SER A 423 19.67 -15.17 5.48
C SER A 423 19.64 -14.12 4.34
N ARG A 424 20.21 -14.45 3.20
CA ARG A 424 20.25 -13.52 2.09
C ARG A 424 18.86 -13.23 1.57
N LEU A 425 17.99 -14.22 1.67
CA LEU A 425 16.65 -14.14 1.14
C LEU A 425 15.81 -13.21 2.00
N GLU A 426 15.87 -13.37 3.32
CA GLU A 426 15.15 -12.51 4.23
C GLU A 426 15.65 -11.05 4.17
N VAL A 427 16.96 -10.86 4.07
CA VAL A 427 17.55 -9.53 3.85
C VAL A 427 17.05 -8.88 2.55
N VAL A 428 16.97 -9.66 1.47
CA VAL A 428 16.48 -9.13 0.20
C VAL A 428 14.99 -8.73 0.23
N PHE A 429 14.15 -9.58 0.79
CA PHE A 429 12.72 -9.28 0.87
C PHE A 429 12.40 -8.16 1.86
N THR A 430 13.21 -8.02 2.90
CA THR A 430 13.07 -6.92 3.85
C THR A 430 13.42 -5.58 3.21
N ALA A 431 14.51 -5.55 2.45
CA ALA A 431 14.92 -4.37 1.71
C ALA A 431 13.93 -3.99 0.61
N LEU A 432 13.30 -4.98 -0.03
CA LEU A 432 12.25 -4.70 -0.99
C LEU A 432 11.07 -4.03 -0.30
N MET A 433 10.77 -4.45 0.93
CA MET A 433 9.66 -3.86 1.66
C MET A 433 9.98 -2.41 2.06
N ASN A 434 11.17 -2.22 2.61
CA ASN A 434 11.60 -0.93 3.14
C ASN A 434 11.60 0.15 2.09
N SER A 435 12.19 -0.18 0.94
CA SER A 435 12.39 0.75 -0.16
C SER A 435 11.07 1.20 -0.80
N LYS A 436 9.98 0.61 -0.36
CA LYS A 436 8.67 0.89 -0.90
C LYS A 436 7.76 1.47 0.16
N GLY A 437 8.31 1.68 1.35
CA GLY A 437 7.63 2.46 2.39
C GLY A 437 7.11 1.71 3.59
N VAL A 438 7.22 0.39 3.57
CA VAL A 438 6.64 -0.47 4.61
C VAL A 438 7.20 -0.19 6.02
N SER A 439 8.48 0.14 6.08
CA SER A 439 9.18 0.57 7.28
C SER A 439 8.49 1.74 7.99
N LEU A 440 7.91 2.66 7.22
CA LEU A 440 7.25 3.86 7.78
C LEU A 440 6.02 3.55 8.63
N PHE A 441 5.37 2.43 8.35
CA PHE A 441 4.18 2.05 9.11
C PHE A 441 4.54 1.35 10.40
N ASP A 442 3.62 1.41 11.36
CA ASP A 442 3.77 0.70 12.61
C ASP A 442 2.93 -0.57 12.51
N ILE A 443 3.59 -1.65 12.12
CA ILE A 443 2.96 -2.95 11.95
C ILE A 443 2.96 -3.67 13.30
N ILE A 444 1.78 -3.99 13.80
CA ILE A 444 1.63 -4.40 15.17
C ILE A 444 1.21 -5.88 15.26
N ASN A 445 2.06 -6.70 15.90
CA ASN A 445 1.77 -8.11 16.14
C ASN A 445 1.26 -8.80 14.86
N PRO A 446 2.04 -8.71 13.76
CA PRO A 446 1.58 -9.35 12.56
C PRO A 446 1.82 -10.85 12.70
N GLU A 447 0.93 -11.65 12.12
CA GLU A 447 1.08 -13.11 12.04
C GLU A 447 1.22 -13.52 10.58
N ILE A 448 2.21 -14.35 10.30
CA ILE A 448 2.32 -15.00 8.99
C ILE A 448 1.96 -16.47 9.16
N ILE A 449 0.85 -16.86 8.56
CA ILE A 449 0.21 -18.14 8.79
C ILE A 449 0.06 -18.91 7.50
N THR A 450 0.68 -20.09 7.44
CA THR A 450 0.58 -20.93 6.23
C THR A 450 -0.51 -21.99 6.40
N ARG A 451 -1.23 -22.26 5.32
CA ARG A 451 -2.28 -23.26 5.30
C ARG A 451 -2.12 -23.99 4.00
N ASP A 452 -2.92 -25.04 3.81
CA ASP A 452 -2.85 -25.84 2.61
C ASP A 452 -3.40 -25.06 1.43
N GLY A 453 -2.48 -24.55 0.61
CA GLY A 453 -2.86 -23.88 -0.62
C GLY A 453 -2.76 -22.37 -0.58
N PHE A 454 -2.55 -21.82 0.61
CA PHE A 454 -2.49 -20.36 0.80
C PHE A 454 -1.69 -19.85 2.01
N LEU A 455 -1.20 -18.62 1.90
CA LEU A 455 -0.51 -17.94 2.98
C LEU A 455 -1.36 -16.76 3.50
N LEU A 456 -1.27 -16.50 4.79
CA LEU A 456 -2.10 -15.49 5.47
C LEU A 456 -1.27 -14.47 6.19
N LEU A 457 -1.50 -13.20 5.88
CA LEU A 457 -0.96 -12.10 6.68
C LEU A 457 -2.08 -11.45 7.49
N GLN A 458 -1.89 -11.35 8.81
CA GLN A 458 -2.87 -10.70 9.68
C GLN A 458 -2.09 -9.76 10.55
N MET A 459 -2.64 -8.57 10.83
CA MET A 459 -1.92 -7.53 11.57
C MET A 459 -2.80 -6.35 12.00
N ASP A 460 -2.31 -5.61 12.99
CA ASP A 460 -2.81 -4.28 13.24
C ASP A 460 -1.76 -3.34 12.74
N PHE A 461 -2.14 -2.07 12.60
CA PHE A 461 -1.23 -1.02 12.19
C PHE A 461 -1.47 0.29 12.94
N GLY A 462 -0.44 1.11 12.96
CA GLY A 462 -0.52 2.43 13.54
C GLY A 462 -0.31 3.35 12.38
N PHE A 463 -1.10 4.42 12.37
CA PHE A 463 -1.09 5.37 11.29
C PHE A 463 -0.34 6.62 11.74
N PRO A 464 0.91 6.82 11.25
CA PRO A 464 1.65 8.04 11.61
C PRO A 464 0.94 9.26 11.02
N GLU A 465 0.25 9.99 11.90
CA GLU A 465 -0.67 11.07 11.51
C GLU A 465 -0.04 12.12 10.58
N HIS A 466 1.29 12.24 10.63
CA HIS A 466 2.05 13.16 9.78
C HIS A 466 2.18 12.67 8.33
N LEU A 467 1.95 11.39 8.09
CA LEU A 467 2.04 10.83 6.74
C LEU A 467 0.88 11.26 5.85
N LEU A 468 -0.31 11.39 6.44
CA LEU A 468 -1.45 11.87 5.70
C LEU A 468 -1.34 13.38 5.45
N VAL A 469 -0.85 14.12 6.44
CA VAL A 469 -0.60 15.56 6.32
C VAL A 469 0.31 15.88 5.14
N ASP A 470 1.44 15.18 5.06
CA ASP A 470 2.41 15.39 3.99
C ASP A 470 1.89 15.00 2.61
N PHE A 471 1.07 13.95 2.55
CA PHE A 471 0.48 13.47 1.29
C PHE A 471 -0.51 14.48 0.69
N LEU A 472 -1.44 14.93 1.53
CA LEU A 472 -2.38 16.01 1.20
C LEU A 472 -1.64 17.31 0.80
N GLN A 473 -0.58 17.63 1.54
CA GLN A 473 0.29 18.76 1.23
C GLN A 473 0.99 18.58 -0.14
N SER A 474 1.35 17.33 -0.45
CA SER A 474 2.01 17.02 -1.72
C SER A 474 1.04 17.02 -2.91
N LEU A 475 -0.26 17.12 -2.64
CA LEU A 475 -1.27 17.18 -3.72
C LEU A 475 -1.14 18.44 -4.59
N SER A 476 -0.51 19.48 -4.02
CA SER A 476 -0.15 20.69 -4.77
C SER A 476 1.32 20.63 -5.22
#